data_1PDY
#
_entry.id   1PDY
#
_cell.length_a   110.800
_cell.length_b   110.800
_cell.length_c   73.400
_cell.angle_alpha   90.00
_cell.angle_beta   90.00
_cell.angle_gamma   120.00
#
_symmetry.space_group_name_H-M   'P 31 2 1'
#
loop_
_entity.id
_entity.type
_entity.pdbx_description
1 polymer ENOLASE
2 non-polymer 'SULFATE ION'
3 water water
#
_entity_poly.entity_id   1
_entity_poly.type   'polypeptide(L)'
_entity_poly.pdbx_seq_one_letter_code
;(ACE)SITKVFARTIFDSRGNPTVEVDLYTSKGLFRAAVPSGASTGVHEALEMRDGDKSKYHGKSVFNAVKNVNDVIVPE
IIKSGLKVTQQKECDEFMCKLDGTENKSSLGANAILGVSLAICKAGAAELGIPLYRHIANLANYDEVILPVPAFNVINGG
SHAGNKLAMQEFMILPTGATSFTEAMRMGTEVYHHLKAVIKARFGLDATAVGDEGGFAPNILNNKDALDLIQEAIKKAGY
TGKIEIGMDVAASEFYKQNNIYDLDFKTANNDGSQKISGDQLRDMYMEFCKDFPIVSIEDPFDQDDWETWSKMTSGTTIQ
IVGDDLTVTNPKRITTAVEKKACKCLLLKVNQIGSVTESIDAHLLAKKNGWGTMVSHRSGETEDCFIADLVVGLCTGQIK
TGAPCRSERLAKYNQILRIEEELGSGAKFAGKNFRAPS
;
_entity_poly.pdbx_strand_id   A
#
loop_
_chem_comp.id
_chem_comp.type
_chem_comp.name
_chem_comp.formula
ACE non-polymer 'ACETYL GROUP' 'C2 H4 O'
SO4 non-polymer 'SULFATE ION' 'O4 S -2'
#
# COMPACT_ATOMS: atom_id res chain seq x y z
C ACE A 1 17.82 23.50 -6.64
O ACE A 1 16.69 23.04 -6.52
CH3 ACE A 1 18.91 23.21 -5.62
N SER A 2 18.15 24.35 -7.62
CA SER A 2 17.19 24.67 -8.66
C SER A 2 17.08 23.51 -9.63
N ILE A 3 15.90 23.39 -10.21
CA ILE A 3 15.64 22.34 -11.15
C ILE A 3 16.08 22.83 -12.51
N THR A 4 17.01 22.13 -13.12
CA THR A 4 17.49 22.54 -14.43
C THR A 4 16.74 21.82 -15.56
N LYS A 5 16.23 20.63 -15.29
CA LYS A 5 15.54 19.85 -16.33
C LYS A 5 14.64 18.75 -15.76
N VAL A 6 13.42 18.68 -16.26
CA VAL A 6 12.45 17.66 -15.85
C VAL A 6 11.98 16.96 -17.13
N PHE A 7 12.13 15.64 -17.20
CA PHE A 7 11.72 14.90 -18.38
C PHE A 7 11.02 13.59 -18.04
N ALA A 8 9.80 13.42 -18.54
CA ALA A 8 9.04 12.21 -18.32
C ALA A 8 9.07 11.30 -19.55
N ARG A 9 8.77 10.03 -19.31
CA ARG A 9 8.71 9.03 -20.37
C ARG A 9 7.81 7.94 -19.83
N THR A 10 7.45 6.99 -20.68
CA THR A 10 6.61 5.89 -20.26
C THR A 10 7.47 4.66 -20.10
N ILE A 11 7.20 3.92 -19.04
CA ILE A 11 7.89 2.65 -18.79
C ILE A 11 6.71 1.71 -18.51
N PHE A 12 6.99 0.47 -18.17
CA PHE A 12 5.92 -0.49 -17.91
C PHE A 12 5.94 -1.00 -16.47
N ASP A 13 4.76 -1.08 -15.85
CA ASP A 13 4.67 -1.58 -14.49
C ASP A 13 4.75 -3.10 -14.47
N SER A 14 4.67 -3.66 -13.28
CA SER A 14 4.75 -5.08 -13.04
C SER A 14 3.68 -5.91 -13.74
N ARG A 15 2.67 -5.25 -14.27
CA ARG A 15 1.56 -5.93 -14.96
C ARG A 15 1.51 -5.71 -16.48
N GLY A 16 2.57 -5.12 -17.04
CA GLY A 16 2.62 -4.88 -18.47
C GLY A 16 1.91 -3.63 -18.95
N ASN A 17 1.52 -2.76 -18.03
CA ASN A 17 0.84 -1.53 -18.40
C ASN A 17 1.79 -0.36 -18.35
N PRO A 18 1.54 0.65 -19.17
CA PRO A 18 2.41 1.83 -19.19
C PRO A 18 2.23 2.67 -17.94
N THR A 19 3.26 3.41 -17.57
CA THR A 19 3.20 4.30 -16.42
C THR A 19 4.30 5.37 -16.55
N VAL A 20 4.08 6.50 -15.89
CA VAL A 20 4.98 7.63 -15.93
C VAL A 20 6.26 7.45 -15.12
N GLU A 21 7.36 7.90 -15.69
CA GLU A 21 8.67 7.88 -15.03
C GLU A 21 9.24 9.26 -15.30
N VAL A 22 9.68 9.93 -14.23
CA VAL A 22 10.23 11.28 -14.32
C VAL A 22 11.72 11.33 -14.01
N ASP A 23 12.43 12.08 -14.84
CA ASP A 23 13.86 12.31 -14.71
C ASP A 23 13.98 13.79 -14.36
N LEU A 24 14.62 14.08 -13.24
CA LEU A 24 14.77 15.47 -12.82
C LEU A 24 16.24 15.74 -12.56
N TYR A 25 16.69 16.91 -12.96
CA TYR A 25 18.09 17.30 -12.79
C TYR A 25 18.25 18.58 -12.00
N THR A 26 19.32 18.63 -11.23
CA THR A 26 19.73 19.78 -10.44
C THR A 26 21.24 19.72 -10.67
N SER A 27 22.02 20.58 -10.04
CA SER A 27 23.46 20.52 -10.24
C SER A 27 24.04 19.26 -9.62
N LYS A 28 23.22 18.56 -8.83
CA LYS A 28 23.63 17.33 -8.19
C LYS A 28 23.49 16.16 -9.16
N GLY A 29 22.67 16.34 -10.18
CA GLY A 29 22.51 15.27 -11.17
C GLY A 29 21.09 14.84 -11.49
N LEU A 30 20.97 13.56 -11.81
CA LEU A 30 19.73 12.93 -12.20
C LEU A 30 19.05 12.24 -11.03
N PHE A 31 17.75 12.47 -10.89
CA PHE A 31 16.97 11.84 -9.85
C PHE A 31 15.75 11.30 -10.56
N ARG A 32 15.66 9.98 -10.63
CA ARG A 32 14.58 9.28 -11.31
C ARG A 32 13.51 8.72 -10.38
N ALA A 33 12.25 8.88 -10.77
CA ALA A 33 11.14 8.39 -9.99
C ALA A 33 10.10 7.80 -10.94
N ALA A 34 9.45 6.71 -10.52
CA ALA A 34 8.42 6.08 -11.33
C ALA A 34 7.12 6.06 -10.53
N VAL A 35 5.99 6.19 -11.20
CA VAL A 35 4.69 6.20 -10.54
C VAL A 35 4.00 4.83 -10.69
N PRO A 36 3.38 4.32 -9.60
CA PRO A 36 2.70 3.03 -9.65
C PRO A 36 1.25 3.16 -10.17
N SER A 37 0.62 2.03 -10.46
CA SER A 37 -0.76 1.99 -10.98
C SER A 37 -1.75 2.71 -10.10
N GLY A 38 -2.50 3.64 -10.67
CA GLY A 38 -3.49 4.38 -9.90
C GLY A 38 -4.87 4.14 -10.45
N ALA A 39 -5.80 5.04 -10.14
CA ALA A 39 -7.17 4.92 -10.64
C ALA A 39 -7.50 6.06 -11.59
N SER A 40 -7.79 5.72 -12.84
CA SER A 40 -8.15 6.71 -13.86
C SER A 40 -9.42 7.38 -13.37
N THR A 41 -10.28 6.57 -12.77
CA THR A 41 -11.53 7.02 -12.18
C THR A 41 -11.46 6.44 -10.78
N GLY A 42 -11.74 7.27 -9.79
CA GLY A 42 -11.66 6.81 -8.42
C GLY A 42 -12.68 7.51 -7.55
N VAL A 43 -13.06 6.87 -6.46
CA VAL A 43 -14.04 7.41 -5.54
C VAL A 43 -13.69 8.83 -5.05
N HIS A 44 -12.68 8.93 -4.21
CA HIS A 44 -12.28 10.23 -3.67
C HIS A 44 -10.79 10.42 -3.89
N GLU A 45 -10.17 9.49 -4.61
CA GLU A 45 -8.74 9.56 -4.86
C GLU A 45 -8.37 10.42 -6.05
N ALA A 46 -7.12 10.86 -6.08
CA ALA A 46 -6.60 11.68 -7.16
C ALA A 46 -6.63 10.81 -8.41
N LEU A 47 -7.14 11.38 -9.50
CA LEU A 47 -7.27 10.62 -10.72
C LEU A 47 -6.04 10.56 -11.58
N GLU A 48 -5.61 9.34 -11.86
CA GLU A 48 -4.45 9.13 -12.71
C GLU A 48 -4.94 9.34 -14.14
N MET A 49 -4.12 9.97 -14.96
CA MET A 49 -4.51 10.22 -16.33
C MET A 49 -4.08 9.10 -17.29
N ARG A 50 -5.04 8.61 -18.04
CA ARG A 50 -4.84 7.56 -19.04
C ARG A 50 -5.32 8.17 -20.35
N ASP A 51 -4.78 7.72 -21.47
CA ASP A 51 -5.20 8.23 -22.77
C ASP A 51 -6.58 7.71 -23.12
N GLY A 52 -6.83 6.45 -22.76
CA GLY A 52 -8.13 5.84 -23.03
C GLY A 52 -8.32 5.36 -24.46
N ASP A 53 -7.31 5.53 -25.30
CA ASP A 53 -7.42 5.08 -26.69
C ASP A 53 -7.43 3.56 -26.64
N LYS A 54 -8.58 2.97 -26.90
CA LYS A 54 -8.74 1.51 -26.87
C LYS A 54 -7.74 0.72 -27.71
N SER A 55 -7.34 1.27 -28.84
CA SER A 55 -6.39 0.60 -29.72
C SER A 55 -4.99 0.59 -29.10
N LYS A 56 -4.52 1.76 -28.69
CA LYS A 56 -3.20 1.88 -28.08
C LYS A 56 -3.13 1.31 -26.66
N TYR A 57 -2.26 0.33 -26.49
CA TYR A 57 -1.99 -0.32 -25.21
C TYR A 57 -3.21 -0.64 -24.34
N HIS A 58 -4.34 -0.97 -24.97
CA HIS A 58 -5.58 -1.29 -24.28
C HIS A 58 -6.14 -0.11 -23.52
N GLY A 59 -5.99 1.08 -24.09
CA GLY A 59 -6.49 2.29 -23.45
C GLY A 59 -5.75 2.70 -22.20
N LYS A 60 -4.68 1.99 -21.85
CA LYS A 60 -3.91 2.28 -20.65
C LYS A 60 -2.63 3.08 -20.88
N SER A 61 -2.48 3.71 -22.04
CA SER A 61 -1.28 4.49 -22.29
C SER A 61 -1.29 5.79 -21.50
N VAL A 62 -0.13 6.36 -21.26
CA VAL A 62 -0.05 7.58 -20.48
C VAL A 62 0.65 8.74 -21.17
N PHE A 63 0.51 8.82 -22.49
CA PHE A 63 1.15 9.90 -23.26
C PHE A 63 0.69 11.28 -22.84
N ASN A 64 -0.57 11.40 -22.45
CA ASN A 64 -1.12 12.69 -22.03
C ASN A 64 -0.51 13.16 -20.71
N ALA A 65 -0.31 12.24 -19.78
CA ALA A 65 0.28 12.58 -18.49
C ALA A 65 1.74 12.98 -18.72
N VAL A 66 2.43 12.20 -19.52
CA VAL A 66 3.82 12.46 -19.86
C VAL A 66 3.94 13.83 -20.51
N LYS A 67 3.01 14.13 -21.42
CA LYS A 67 2.98 15.42 -22.11
C LYS A 67 2.80 16.52 -21.07
N ASN A 68 1.88 16.31 -20.13
CA ASN A 68 1.60 17.28 -19.08
C ASN A 68 2.85 17.59 -18.27
N VAL A 69 3.64 16.56 -17.97
CA VAL A 69 4.87 16.76 -17.23
C VAL A 69 5.82 17.58 -18.11
N ASN A 70 6.12 17.04 -19.27
CA ASN A 70 7.04 17.62 -20.23
C ASN A 70 6.87 19.05 -20.72
N ASP A 71 5.67 19.44 -21.14
CA ASP A 71 5.51 20.80 -21.65
C ASP A 71 4.59 21.71 -20.86
N VAL A 72 4.30 21.33 -19.61
CA VAL A 72 3.46 22.14 -18.75
C VAL A 72 4.11 22.26 -17.36
N ILE A 73 4.36 21.13 -16.72
CA ILE A 73 4.96 21.15 -15.41
C ILE A 73 6.42 21.59 -15.46
N VAL A 74 7.22 20.90 -16.27
CA VAL A 74 8.66 21.21 -16.41
C VAL A 74 8.98 22.70 -16.62
N PRO A 75 8.42 23.32 -17.67
CA PRO A 75 8.67 24.73 -17.95
C PRO A 75 8.33 25.62 -16.78
N GLU A 76 7.14 25.40 -16.21
CA GLU A 76 6.66 26.17 -15.08
C GLU A 76 7.51 26.06 -13.83
N ILE A 77 7.77 24.84 -13.39
CA ILE A 77 8.56 24.65 -12.18
C ILE A 77 10.00 25.15 -12.34
N ILE A 78 10.55 25.06 -13.54
CA ILE A 78 11.91 25.54 -13.75
C ILE A 78 11.89 27.07 -13.68
N LYS A 79 10.89 27.67 -14.31
CA LYS A 79 10.75 29.13 -14.31
C LYS A 79 10.34 29.68 -12.94
N SER A 80 9.72 28.84 -12.13
CA SER A 80 9.27 29.22 -10.79
C SER A 80 10.44 29.58 -9.87
N GLY A 81 11.55 28.87 -10.04
CA GLY A 81 12.71 29.11 -9.20
C GLY A 81 12.49 28.56 -7.81
N LEU A 82 12.01 27.32 -7.76
CA LEU A 82 11.79 26.66 -6.48
C LEU A 82 12.90 25.63 -6.34
N LYS A 83 13.42 25.48 -5.14
CA LYS A 83 14.47 24.50 -4.92
C LYS A 83 13.85 23.14 -4.62
N VAL A 84 14.55 22.08 -4.99
CA VAL A 84 14.09 20.71 -4.74
C VAL A 84 14.01 20.47 -3.23
N THR A 85 14.61 21.40 -2.50
CA THR A 85 14.66 21.36 -1.06
C THR A 85 13.34 21.89 -0.47
N GLN A 86 12.54 22.54 -1.29
CA GLN A 86 11.25 23.09 -0.87
C GLN A 86 10.12 22.17 -1.30
N GLN A 87 10.01 21.04 -0.65
CA GLN A 87 8.99 20.06 -0.99
C GLN A 87 7.57 20.62 -0.99
N LYS A 88 7.15 21.14 0.15
CA LYS A 88 5.82 21.70 0.32
C LYS A 88 5.46 22.69 -0.76
N GLU A 89 6.37 23.61 -1.02
CA GLU A 89 6.19 24.65 -2.02
C GLU A 89 6.12 24.09 -3.43
N CYS A 90 7.03 23.18 -3.77
CA CYS A 90 7.03 22.58 -5.11
C CYS A 90 5.70 21.85 -5.32
N ASP A 91 5.27 21.09 -4.33
CA ASP A 91 4.02 20.35 -4.42
C ASP A 91 2.83 21.29 -4.49
N GLU A 92 2.88 22.40 -3.75
CA GLU A 92 1.78 23.36 -3.80
C GLU A 92 1.73 24.00 -5.17
N PHE A 93 2.90 24.28 -5.72
CA PHE A 93 3.04 24.90 -7.03
C PHE A 93 2.32 24.04 -8.06
N MET A 94 2.69 22.76 -8.11
CA MET A 94 2.09 21.84 -9.05
C MET A 94 0.58 21.72 -8.82
N CYS A 95 0.17 21.75 -7.56
CA CYS A 95 -1.26 21.66 -7.23
C CYS A 95 -1.95 22.92 -7.76
N LYS A 96 -1.30 24.07 -7.63
CA LYS A 96 -1.88 25.32 -8.11
C LYS A 96 -1.96 25.20 -9.62
N LEU A 97 -0.89 24.67 -10.21
CA LEU A 97 -0.78 24.49 -11.65
C LEU A 97 -1.95 23.66 -12.18
N ASP A 98 -2.29 22.60 -11.46
CA ASP A 98 -3.40 21.72 -11.85
C ASP A 98 -4.74 22.44 -11.67
N GLY A 99 -4.96 22.96 -10.46
CA GLY A 99 -6.19 23.67 -10.18
C GLY A 99 -7.40 22.85 -9.77
N THR A 100 -7.28 21.54 -9.67
CA THR A 100 -8.42 20.72 -9.28
C THR A 100 -8.10 19.96 -8.00
N GLU A 101 -9.14 19.57 -7.27
CA GLU A 101 -8.99 18.85 -6.01
C GLU A 101 -8.46 17.43 -6.24
N ASN A 102 -8.87 16.82 -7.34
CA ASN A 102 -8.46 15.45 -7.67
C ASN A 102 -7.33 15.34 -8.68
N LYS A 103 -6.64 16.45 -8.92
CA LYS A 103 -5.53 16.47 -9.87
C LYS A 103 -5.88 15.93 -11.25
N SER A 104 -7.14 16.11 -11.66
CA SER A 104 -7.59 15.60 -12.94
C SER A 104 -7.20 16.42 -14.17
N SER A 105 -6.67 17.62 -13.98
CA SER A 105 -6.28 18.45 -15.11
C SER A 105 -4.92 18.02 -15.68
N LEU A 106 -3.96 17.73 -14.80
CA LEU A 106 -2.62 17.31 -15.21
C LEU A 106 -2.42 15.82 -14.99
N GLY A 107 -3.15 15.26 -14.05
CA GLY A 107 -3.02 13.85 -13.75
C GLY A 107 -2.19 13.66 -12.49
N ALA A 108 -2.72 12.88 -11.56
CA ALA A 108 -2.02 12.61 -10.31
C ALA A 108 -0.71 11.90 -10.62
N ASN A 109 -0.70 11.06 -11.66
CA ASN A 109 0.51 10.33 -12.04
C ASN A 109 1.58 11.25 -12.64
N ALA A 110 1.15 12.39 -13.16
CA ALA A 110 2.08 13.37 -13.71
C ALA A 110 2.67 14.13 -12.52
N ILE A 111 1.80 14.65 -11.66
CA ILE A 111 2.23 15.40 -10.48
C ILE A 111 3.07 14.59 -9.49
N LEU A 112 2.70 13.34 -9.24
CA LEU A 112 3.45 12.52 -8.30
C LEU A 112 4.84 12.18 -8.78
N GLY A 113 5.00 11.88 -10.07
CA GLY A 113 6.30 11.55 -10.61
C GLY A 113 7.33 12.63 -10.36
N VAL A 114 6.92 13.88 -10.60
CA VAL A 114 7.80 15.03 -10.39
C VAL A 114 8.04 15.18 -8.89
N SER A 115 6.97 15.07 -8.11
CA SER A 115 7.03 15.17 -6.66
C SER A 115 8.00 14.17 -6.03
N LEU A 116 8.00 12.93 -6.50
CA LEU A 116 8.91 11.91 -5.97
C LEU A 116 10.37 12.22 -6.34
N ALA A 117 10.56 12.70 -7.58
CA ALA A 117 11.88 13.05 -8.10
C ALA A 117 12.45 14.23 -7.31
N ILE A 118 11.62 15.24 -7.10
CA ILE A 118 12.01 16.40 -6.34
C ILE A 118 12.47 15.97 -4.95
N CYS A 119 11.71 15.07 -4.32
CA CYS A 119 12.04 14.57 -2.99
C CYS A 119 13.40 13.90 -2.95
N LYS A 120 13.67 13.03 -3.91
CA LYS A 120 14.97 12.37 -3.97
C LYS A 120 16.09 13.40 -4.17
N ALA A 121 15.81 14.40 -5.00
CA ALA A 121 16.76 15.46 -5.31
C ALA A 121 17.04 16.32 -4.07
N GLY A 122 15.97 16.67 -3.36
CA GLY A 122 16.11 17.48 -2.15
C GLY A 122 16.98 16.82 -1.12
N ALA A 123 16.85 15.51 -1.00
CA ALA A 123 17.64 14.73 -0.07
C ALA A 123 19.11 14.84 -0.47
N ALA A 124 19.38 14.70 -1.76
CA ALA A 124 20.73 14.79 -2.29
C ALA A 124 21.26 16.20 -2.08
N GLU A 125 20.39 17.18 -2.27
CA GLU A 125 20.72 18.58 -2.10
C GLU A 125 21.20 18.82 -0.68
N LEU A 126 20.58 18.14 0.27
CA LEU A 126 20.93 18.28 1.67
C LEU A 126 21.99 17.26 2.11
N GLY A 127 22.42 16.41 1.19
CA GLY A 127 23.43 15.43 1.49
C GLY A 127 23.07 14.32 2.44
N ILE A 128 21.77 14.08 2.65
CA ILE A 128 21.29 13.02 3.55
C ILE A 128 20.58 11.94 2.77
N PRO A 129 20.40 10.75 3.37
CA PRO A 129 19.71 9.65 2.72
C PRO A 129 18.23 10.03 2.58
N LEU A 130 17.53 9.43 1.65
CA LEU A 130 16.12 9.76 1.43
C LEU A 130 15.23 9.52 2.65
N TYR A 131 15.46 8.43 3.38
CA TYR A 131 14.67 8.14 4.57
C TYR A 131 14.82 9.23 5.61
N ARG A 132 16.07 9.63 5.83
CA ARG A 132 16.41 10.69 6.77
C ARG A 132 15.73 11.98 6.32
N HIS A 133 15.74 12.21 5.01
CA HIS A 133 15.10 13.42 4.47
C HIS A 133 13.60 13.44 4.71
N ILE A 134 12.94 12.30 4.53
CA ILE A 134 11.51 12.19 4.75
C ILE A 134 11.22 12.34 6.25
N ALA A 135 12.13 11.82 7.08
CA ALA A 135 12.00 11.90 8.54
C ALA A 135 11.95 13.36 8.93
N ASN A 136 12.92 14.13 8.43
CA ASN A 136 12.98 15.57 8.72
C ASN A 136 11.77 16.31 8.18
N LEU A 137 11.27 15.89 7.04
CA LEU A 137 10.11 16.54 6.43
C LEU A 137 8.87 16.34 7.30
N ALA A 138 8.78 15.18 7.93
CA ALA A 138 7.66 14.85 8.81
C ALA A 138 7.99 15.16 10.29
N ASN A 139 9.16 15.76 10.50
CA ASN A 139 9.66 16.17 11.82
C ASN A 139 10.14 15.06 12.75
N TYR A 140 10.44 13.89 12.20
CA TYR A 140 10.93 12.79 13.01
C TYR A 140 12.42 12.90 13.26
N ASP A 141 12.82 12.59 14.48
CA ASP A 141 14.22 12.65 14.85
C ASP A 141 14.87 11.29 14.66
N GLU A 142 14.10 10.24 14.90
CA GLU A 142 14.60 8.89 14.76
C GLU A 142 13.76 8.13 13.74
N VAL A 143 14.30 7.02 13.24
CA VAL A 143 13.60 6.19 12.27
C VAL A 143 13.55 4.75 12.77
N ILE A 144 12.58 3.98 12.27
CA ILE A 144 12.45 2.61 12.69
C ILE A 144 12.09 1.71 11.51
N LEU A 145 12.71 0.53 11.47
CA LEU A 145 12.47 -0.43 10.41
C LEU A 145 11.09 -1.06 10.64
N PRO A 146 10.26 -1.14 9.60
CA PRO A 146 8.92 -1.71 9.66
C PRO A 146 8.82 -3.23 9.64
N VAL A 147 7.69 -3.72 10.11
CA VAL A 147 7.42 -5.14 10.10
C VAL A 147 6.74 -5.33 8.75
N PRO A 148 7.26 -6.24 7.92
CA PRO A 148 6.68 -6.46 6.61
C PRO A 148 5.37 -7.26 6.66
N ALA A 149 4.37 -6.78 5.92
CA ALA A 149 3.09 -7.47 5.86
C ALA A 149 3.07 -8.21 4.52
N PHE A 150 3.56 -9.44 4.52
CA PHE A 150 3.64 -10.26 3.31
C PHE A 150 2.32 -10.86 2.84
N ASN A 151 1.94 -10.55 1.60
CA ASN A 151 0.73 -11.09 1.00
C ASN A 151 1.13 -12.53 0.64
N VAL A 152 0.36 -13.51 1.08
CA VAL A 152 0.68 -14.90 0.80
C VAL A 152 -0.41 -15.71 0.09
N ILE A 153 -1.66 -15.35 0.33
CA ILE A 153 -2.78 -16.04 -0.29
C ILE A 153 -3.80 -14.98 -0.68
N ASN A 154 -4.43 -15.17 -1.84
CA ASN A 154 -5.38 -14.20 -2.34
C ASN A 154 -6.75 -14.79 -2.61
N GLY A 155 -7.70 -13.89 -2.81
CA GLY A 155 -9.07 -14.27 -3.09
C GLY A 155 -9.84 -13.09 -3.64
N GLY A 156 -11.16 -13.12 -3.46
CA GLY A 156 -12.01 -12.06 -3.92
C GLY A 156 -11.97 -11.95 -5.43
N SER A 157 -12.09 -10.73 -5.93
CA SER A 157 -12.08 -10.49 -7.37
C SER A 157 -10.67 -10.70 -7.90
N HIS A 158 -9.71 -10.66 -6.99
CA HIS A 158 -8.30 -10.79 -7.31
C HIS A 158 -7.85 -12.19 -7.72
N ALA A 159 -8.79 -13.12 -7.78
CA ALA A 159 -8.49 -14.50 -8.17
C ALA A 159 -9.80 -15.23 -8.36
N GLY A 160 -9.71 -16.50 -8.73
CA GLY A 160 -10.92 -17.29 -8.88
C GLY A 160 -11.19 -17.79 -7.47
N ASN A 161 -11.33 -19.10 -7.34
CA ASN A 161 -11.58 -19.74 -6.05
C ASN A 161 -12.89 -19.31 -5.46
N LYS A 162 -13.09 -19.68 -4.19
CA LYS A 162 -14.30 -19.34 -3.48
C LYS A 162 -14.01 -18.39 -2.32
N LEU A 163 -12.76 -17.95 -2.20
CA LEU A 163 -12.38 -17.05 -1.14
C LEU A 163 -13.04 -15.68 -1.30
N ALA A 164 -13.74 -15.24 -0.26
CA ALA A 164 -14.41 -13.94 -0.27
C ALA A 164 -13.37 -12.86 0.06
N MET A 165 -12.64 -13.07 1.15
CA MET A 165 -11.60 -12.13 1.58
C MET A 165 -10.55 -12.01 0.47
N GLN A 166 -10.18 -10.78 0.15
CA GLN A 166 -9.20 -10.54 -0.91
C GLN A 166 -7.77 -10.92 -0.58
N GLU A 167 -7.27 -10.53 0.58
CA GLU A 167 -5.88 -10.81 0.94
C GLU A 167 -5.70 -11.45 2.30
N PHE A 168 -4.64 -12.22 2.41
CA PHE A 168 -4.25 -12.89 3.64
C PHE A 168 -2.75 -12.65 3.73
N MET A 169 -2.32 -12.01 4.81
CA MET A 169 -0.90 -11.67 4.95
C MET A 169 -0.29 -12.17 6.24
N ILE A 170 1.02 -12.33 6.25
CA ILE A 170 1.72 -12.74 7.45
C ILE A 170 2.61 -11.58 7.90
N LEU A 171 2.60 -11.29 9.20
CA LEU A 171 3.41 -10.21 9.75
C LEU A 171 4.36 -10.80 10.79
N PRO A 172 5.67 -10.80 10.51
CA PRO A 172 6.70 -11.33 11.41
C PRO A 172 6.97 -10.44 12.63
N THR A 173 5.91 -10.09 13.36
CA THR A 173 6.02 -9.24 14.54
C THR A 173 6.98 -9.77 15.60
N GLY A 174 7.15 -11.09 15.64
CA GLY A 174 8.05 -11.71 16.61
C GLY A 174 9.51 -11.69 16.22
N ALA A 175 9.83 -11.09 15.08
CA ALA A 175 11.21 -11.00 14.62
C ALA A 175 11.94 -9.97 15.46
N THR A 176 13.26 -10.05 15.48
CA THR A 176 14.07 -9.13 16.26
C THR A 176 14.64 -8.03 15.36
N SER A 177 14.77 -8.34 14.07
CA SER A 177 15.33 -7.40 13.11
C SER A 177 14.62 -7.56 11.79
N PHE A 178 14.91 -6.66 10.85
CA PHE A 178 14.29 -6.74 9.53
C PHE A 178 14.88 -7.95 8.81
N THR A 179 16.17 -8.18 9.01
CA THR A 179 16.81 -9.33 8.38
C THR A 179 16.06 -10.59 8.80
N GLU A 180 15.83 -10.73 10.10
CA GLU A 180 15.10 -11.88 10.61
C GLU A 180 13.68 -11.92 10.04
N ALA A 181 13.06 -10.75 9.88
CA ALA A 181 11.71 -10.70 9.31
C ALA A 181 11.70 -11.23 7.88
N MET A 182 12.75 -10.93 7.10
CA MET A 182 12.83 -11.41 5.73
C MET A 182 13.03 -12.93 5.75
N ARG A 183 13.88 -13.39 6.66
CA ARG A 183 14.16 -14.81 6.80
C ARG A 183 12.86 -15.57 7.12
N MET A 184 12.12 -15.10 8.13
CA MET A 184 10.87 -15.72 8.52
C MET A 184 9.86 -15.65 7.39
N GLY A 185 9.67 -14.46 6.83
CA GLY A 185 8.71 -14.28 5.74
C GLY A 185 8.92 -15.16 4.53
N THR A 186 10.16 -15.27 4.07
CA THR A 186 10.45 -16.09 2.89
C THR A 186 10.33 -17.57 3.20
N GLU A 187 10.88 -17.99 4.33
CA GLU A 187 10.82 -19.40 4.73
C GLU A 187 9.38 -19.88 4.80
N VAL A 188 8.49 -19.06 5.36
CA VAL A 188 7.09 -19.42 5.42
C VAL A 188 6.52 -19.43 4.01
N TYR A 189 6.89 -18.44 3.19
CA TYR A 189 6.40 -18.37 1.81
C TYR A 189 6.70 -19.67 1.08
N HIS A 190 7.95 -20.11 1.18
CA HIS A 190 8.36 -21.33 0.52
C HIS A 190 7.73 -22.56 1.15
N HIS A 191 7.48 -22.52 2.45
CA HIS A 191 6.84 -23.66 3.11
C HIS A 191 5.38 -23.71 2.70
N LEU A 192 4.80 -22.54 2.49
CA LEU A 192 3.41 -22.41 2.08
C LEU A 192 3.26 -22.94 0.66
N LYS A 193 4.26 -22.69 -0.19
CA LYS A 193 4.26 -23.15 -1.56
C LYS A 193 4.32 -24.68 -1.57
N ALA A 194 5.17 -25.24 -0.72
CA ALA A 194 5.33 -26.68 -0.60
C ALA A 194 4.03 -27.31 -0.13
N VAL A 195 3.30 -26.61 0.73
CA VAL A 195 2.03 -27.11 1.23
C VAL A 195 0.96 -27.00 0.15
N ILE A 196 0.91 -25.87 -0.54
CA ILE A 196 -0.06 -25.63 -1.60
C ILE A 196 0.10 -26.59 -2.78
N LYS A 197 1.33 -26.83 -3.21
CA LYS A 197 1.54 -27.72 -4.34
C LYS A 197 1.10 -29.14 -4.00
N ALA A 198 1.32 -29.56 -2.75
CA ALA A 198 0.93 -30.90 -2.32
C ALA A 198 -0.58 -31.05 -2.22
N ARG A 199 -1.22 -30.08 -1.56
CA ARG A 199 -2.67 -30.09 -1.37
C ARG A 199 -3.48 -29.73 -2.61
N PHE A 200 -2.92 -28.92 -3.50
CA PHE A 200 -3.65 -28.47 -4.67
C PHE A 200 -2.93 -28.69 -5.98
N GLY A 201 -1.72 -29.22 -5.94
CA GLY A 201 -0.98 -29.45 -7.16
C GLY A 201 -0.10 -28.27 -7.58
N LEU A 202 0.88 -28.55 -8.42
CA LEU A 202 1.81 -27.53 -8.90
C LEU A 202 1.14 -26.33 -9.59
N ASP A 203 0.03 -26.56 -10.27
CA ASP A 203 -0.67 -25.47 -10.96
C ASP A 203 -1.13 -24.37 -9.99
N ALA A 204 -1.35 -24.74 -8.73
CA ALA A 204 -1.78 -23.79 -7.72
C ALA A 204 -0.61 -22.95 -7.17
N THR A 205 0.58 -23.23 -7.67
CA THR A 205 1.80 -22.54 -7.27
C THR A 205 2.02 -21.23 -8.04
N ALA A 206 1.27 -21.04 -9.12
CA ALA A 206 1.37 -19.83 -9.92
C ALA A 206 1.00 -18.65 -9.01
N VAL A 207 1.51 -17.46 -9.32
CA VAL A 207 1.25 -16.29 -8.50
C VAL A 207 0.44 -15.17 -9.16
N GLY A 208 -0.11 -14.29 -8.33
CA GLY A 208 -0.88 -13.16 -8.82
C GLY A 208 -0.04 -11.88 -8.84
N ASP A 209 -0.70 -10.75 -9.05
CA ASP A 209 -0.04 -9.43 -9.13
C ASP A 209 0.94 -9.10 -8.01
N GLU A 210 0.62 -9.50 -6.78
CA GLU A 210 1.45 -9.23 -5.62
C GLU A 210 2.39 -10.38 -5.23
N GLY A 211 2.44 -11.42 -6.04
CA GLY A 211 3.33 -12.53 -5.74
C GLY A 211 2.78 -13.58 -4.79
N GLY A 212 1.51 -13.43 -4.43
CA GLY A 212 0.89 -14.39 -3.53
C GLY A 212 0.19 -15.48 -4.33
N PHE A 213 -0.09 -16.60 -3.68
CA PHE A 213 -0.75 -17.72 -4.32
C PHE A 213 -2.26 -17.54 -4.25
N ALA A 214 -2.99 -18.34 -5.01
CA ALA A 214 -4.44 -18.27 -5.02
C ALA A 214 -5.06 -19.65 -5.33
N PRO A 215 -4.79 -20.65 -4.46
CA PRO A 215 -5.33 -22.00 -4.67
C PRO A 215 -6.85 -21.96 -4.65
N ASN A 216 -7.49 -22.98 -5.22
CA ASN A 216 -8.94 -23.02 -5.22
C ASN A 216 -9.42 -23.40 -3.84
N ILE A 217 -9.28 -22.46 -2.92
CA ILE A 217 -9.69 -22.65 -1.53
C ILE A 217 -11.17 -22.33 -1.47
N LEU A 218 -11.93 -23.18 -0.80
CA LEU A 218 -13.37 -23.02 -0.68
C LEU A 218 -13.80 -21.95 0.32
N ASN A 219 -13.10 -21.86 1.44
CA ASN A 219 -13.47 -20.89 2.47
C ASN A 219 -12.31 -20.18 3.14
N ASN A 220 -12.63 -18.99 3.66
CA ASN A 220 -11.69 -18.12 4.34
C ASN A 220 -10.91 -18.82 5.45
N LYS A 221 -11.58 -19.66 6.23
CA LYS A 221 -10.93 -20.39 7.32
C LYS A 221 -9.85 -21.33 6.79
N ASP A 222 -10.08 -21.91 5.61
CA ASP A 222 -9.11 -22.81 5.01
C ASP A 222 -7.85 -22.02 4.70
N ALA A 223 -8.04 -20.78 4.25
CA ALA A 223 -6.91 -19.92 3.93
C ALA A 223 -6.08 -19.77 5.20
N LEU A 224 -6.74 -19.42 6.29
CA LEU A 224 -6.08 -19.21 7.57
C LEU A 224 -5.37 -20.47 8.07
N ASP A 225 -6.02 -21.62 7.95
CA ASP A 225 -5.44 -22.88 8.41
C ASP A 225 -4.20 -23.23 7.59
N LEU A 226 -4.28 -22.97 6.28
CA LEU A 226 -3.18 -23.25 5.37
C LEU A 226 -1.96 -22.43 5.80
N ILE A 227 -2.19 -21.15 6.10
CA ILE A 227 -1.14 -20.24 6.57
C ILE A 227 -0.58 -20.81 7.87
N GLN A 228 -1.48 -21.18 8.78
CA GLN A 228 -1.09 -21.75 10.07
C GLN A 228 -0.16 -22.96 9.92
N GLU A 229 -0.50 -23.85 9.00
CA GLU A 229 0.32 -25.02 8.75
C GLU A 229 1.70 -24.57 8.27
N ALA A 230 1.73 -23.62 7.35
CA ALA A 230 2.98 -23.08 6.80
C ALA A 230 3.86 -22.51 7.92
N ILE A 231 3.25 -21.71 8.79
CA ILE A 231 3.94 -21.10 9.93
C ILE A 231 4.49 -22.19 10.84
N LYS A 232 3.73 -23.27 10.97
CA LYS A 232 4.11 -24.41 11.78
C LYS A 232 5.32 -25.11 11.18
N LYS A 233 5.23 -25.48 9.90
CA LYS A 233 6.32 -26.14 9.22
C LYS A 233 7.59 -25.30 9.35
N ALA A 234 7.45 -23.98 9.20
CA ALA A 234 8.60 -23.07 9.32
C ALA A 234 9.11 -23.00 10.75
N GLY A 235 8.24 -23.33 11.71
CA GLY A 235 8.61 -23.31 13.11
C GLY A 235 8.58 -21.91 13.70
N TYR A 236 7.65 -21.09 13.25
CA TYR A 236 7.56 -19.72 13.73
C TYR A 236 6.22 -19.39 14.38
N THR A 237 5.45 -20.41 14.73
CA THR A 237 4.17 -20.19 15.38
C THR A 237 4.42 -19.32 16.60
N GLY A 238 3.68 -18.21 16.71
CA GLY A 238 3.85 -17.32 17.83
C GLY A 238 4.66 -16.08 17.46
N LYS A 239 5.67 -16.26 16.62
CA LYS A 239 6.51 -15.16 16.18
C LYS A 239 5.93 -14.50 14.93
N ILE A 240 4.99 -15.19 14.28
CA ILE A 240 4.33 -14.67 13.09
C ILE A 240 2.85 -14.55 13.34
N GLU A 241 2.29 -13.40 12.97
CA GLU A 241 0.87 -13.14 13.14
C GLU A 241 0.21 -12.93 11.78
N ILE A 242 -1.10 -12.84 11.75
CA ILE A 242 -1.83 -12.74 10.50
C ILE A 242 -2.59 -11.44 10.30
N GLY A 243 -2.68 -11.02 9.03
CA GLY A 243 -3.40 -9.82 8.68
C GLY A 243 -4.33 -10.18 7.54
N MET A 244 -5.34 -9.35 7.31
CA MET A 244 -6.30 -9.64 6.26
C MET A 244 -6.75 -8.35 5.62
N ASP A 245 -7.23 -8.46 4.39
CA ASP A 245 -7.79 -7.35 3.65
C ASP A 245 -9.06 -7.94 3.11
N VAL A 246 -10.14 -7.70 3.83
CA VAL A 246 -11.44 -8.22 3.46
C VAL A 246 -11.98 -7.54 2.21
N ALA A 247 -11.73 -6.24 2.08
CA ALA A 247 -12.20 -5.44 0.96
C ALA A 247 -13.70 -5.67 0.80
N ALA A 248 -14.38 -5.75 1.93
CA ALA A 248 -15.82 -5.99 1.97
C ALA A 248 -16.60 -5.06 1.06
N SER A 249 -15.99 -3.94 0.68
CA SER A 249 -16.66 -3.01 -0.21
C SER A 249 -17.00 -3.73 -1.52
N GLU A 250 -16.08 -4.54 -2.01
CA GLU A 250 -16.28 -5.30 -3.25
C GLU A 250 -17.42 -6.31 -3.13
N PHE A 251 -17.73 -6.71 -1.89
CA PHE A 251 -18.78 -7.68 -1.67
C PHE A 251 -19.91 -7.26 -0.74
N TYR A 252 -20.48 -6.12 -1.04
CA TYR A 252 -21.58 -5.58 -0.27
C TYR A 252 -22.72 -5.41 -1.24
N LYS A 253 -23.89 -5.87 -0.83
CA LYS A 253 -25.07 -5.80 -1.67
C LYS A 253 -25.83 -4.53 -1.36
N GLN A 254 -26.54 -4.50 -0.25
CA GLN A 254 -27.33 -3.35 0.14
C GLN A 254 -27.69 -3.54 1.59
N ASN A 255 -28.51 -2.64 2.11
CA ASN A 255 -28.98 -2.66 3.49
C ASN A 255 -28.37 -3.67 4.47
N ASN A 256 -27.10 -3.45 4.79
CA ASN A 256 -26.36 -4.30 5.72
C ASN A 256 -26.23 -5.76 5.28
N ILE A 257 -26.11 -6.00 3.98
CA ILE A 257 -25.99 -7.37 3.46
C ILE A 257 -24.68 -7.58 2.70
N TYR A 258 -23.97 -8.64 3.11
CA TYR A 258 -22.70 -9.04 2.55
C TYR A 258 -22.80 -10.49 2.13
N ASP A 259 -22.52 -10.75 0.87
CA ASP A 259 -22.59 -12.11 0.31
C ASP A 259 -21.20 -12.73 0.19
N LEU A 260 -20.80 -13.49 1.19
CA LEU A 260 -19.50 -14.14 1.14
C LEU A 260 -19.23 -14.98 -0.11
N ASP A 261 -20.26 -15.18 -0.94
CA ASP A 261 -20.10 -15.94 -2.17
C ASP A 261 -20.38 -15.14 -3.44
N PHE A 262 -20.13 -13.84 -3.42
CA PHE A 262 -20.41 -13.01 -4.60
C PHE A 262 -19.89 -13.52 -5.92
N LYS A 263 -18.86 -14.38 -5.90
CA LYS A 263 -18.27 -14.91 -7.12
C LYS A 263 -19.10 -16.02 -7.80
N THR A 264 -20.43 -15.93 -7.71
CA THR A 264 -21.30 -16.93 -8.31
C THR A 264 -22.62 -16.28 -8.70
N ALA A 265 -23.09 -16.58 -9.91
CA ALA A 265 -24.36 -16.03 -10.36
C ALA A 265 -25.45 -16.87 -9.71
N ASN A 266 -26.52 -16.23 -9.29
CA ASN A 266 -27.63 -16.91 -8.63
C ASN A 266 -27.20 -17.43 -7.25
N ASN A 267 -26.66 -16.52 -6.44
CA ASN A 267 -26.17 -16.81 -5.09
C ASN A 267 -27.27 -16.96 -4.07
N ASP A 268 -28.09 -18.01 -4.18
CA ASP A 268 -29.18 -18.21 -3.24
C ASP A 268 -28.74 -19.24 -2.20
N GLY A 269 -27.57 -18.99 -1.62
CA GLY A 269 -27.01 -19.87 -0.61
C GLY A 269 -26.90 -19.17 0.73
N SER A 270 -26.34 -19.88 1.73
CA SER A 270 -26.20 -19.36 3.09
C SER A 270 -25.32 -18.13 3.34
N GLN A 271 -24.24 -18.00 2.56
CA GLN A 271 -23.29 -16.89 2.73
C GLN A 271 -23.79 -15.57 2.16
N LYS A 272 -24.92 -15.10 2.67
CA LYS A 272 -25.55 -13.86 2.21
C LYS A 272 -25.97 -13.20 3.53
N ILE A 273 -25.00 -13.13 4.44
CA ILE A 273 -25.17 -12.62 5.79
C ILE A 273 -25.14 -11.09 5.96
N SER A 274 -25.62 -10.63 7.11
CA SER A 274 -25.65 -9.20 7.42
C SER A 274 -24.35 -8.74 8.08
N GLY A 275 -24.07 -7.45 7.96
CA GLY A 275 -22.85 -6.88 8.54
C GLY A 275 -22.56 -7.35 9.96
N ASP A 276 -23.59 -7.38 10.79
CA ASP A 276 -23.44 -7.81 12.18
C ASP A 276 -22.98 -9.27 12.28
N GLN A 277 -23.45 -10.09 11.36
CA GLN A 277 -23.06 -11.51 11.33
C GLN A 277 -21.62 -11.57 10.84
N LEU A 278 -21.28 -10.66 9.92
CA LEU A 278 -19.94 -10.59 9.35
C LEU A 278 -18.95 -10.18 10.44
N ARG A 279 -19.35 -9.20 11.25
CA ARG A 279 -18.52 -8.71 12.34
C ARG A 279 -18.24 -9.83 13.32
N ASP A 280 -19.25 -10.65 13.60
CA ASP A 280 -19.11 -11.78 14.51
C ASP A 280 -18.12 -12.78 13.93
N MET A 281 -18.20 -12.97 12.62
CA MET A 281 -17.32 -13.88 11.92
C MET A 281 -15.87 -13.44 12.16
N TYR A 282 -15.64 -12.14 12.13
CA TYR A 282 -14.29 -11.62 12.36
C TYR A 282 -13.86 -11.93 13.80
N MET A 283 -14.77 -11.71 14.74
CA MET A 283 -14.50 -11.97 16.15
C MET A 283 -14.13 -13.43 16.36
N GLU A 284 -14.84 -14.31 15.67
CA GLU A 284 -14.56 -15.74 15.77
C GLU A 284 -13.14 -15.99 15.23
N PHE A 285 -12.84 -15.43 14.05
CA PHE A 285 -11.52 -15.57 13.43
C PHE A 285 -10.41 -15.07 14.34
N CYS A 286 -10.63 -13.91 14.97
CA CYS A 286 -9.65 -13.32 15.87
C CYS A 286 -9.41 -14.19 17.10
N LYS A 287 -10.41 -14.95 17.50
CA LYS A 287 -10.28 -15.81 18.66
C LYS A 287 -9.39 -17.02 18.39
N ASP A 288 -9.66 -17.67 17.26
CA ASP A 288 -8.93 -18.87 16.87
C ASP A 288 -7.58 -18.61 16.22
N PHE A 289 -7.54 -17.60 15.36
CA PHE A 289 -6.31 -17.26 14.65
C PHE A 289 -5.65 -16.00 15.16
N PRO A 290 -4.31 -15.93 15.11
CA PRO A 290 -3.52 -14.77 15.56
C PRO A 290 -3.61 -13.60 14.58
N ILE A 291 -4.84 -13.18 14.31
CA ILE A 291 -5.09 -12.08 13.40
C ILE A 291 -4.87 -10.76 14.14
N VAL A 292 -3.89 -9.99 13.68
CA VAL A 292 -3.55 -8.72 14.31
C VAL A 292 -3.97 -7.48 13.53
N SER A 293 -4.51 -7.66 12.33
CA SER A 293 -4.91 -6.53 11.52
C SER A 293 -5.91 -6.96 10.46
N ILE A 294 -6.99 -6.20 10.32
CA ILE A 294 -8.01 -6.47 9.33
C ILE A 294 -8.32 -5.16 8.60
N GLU A 295 -8.08 -5.18 7.29
CA GLU A 295 -8.28 -4.03 6.42
C GLU A 295 -9.63 -4.13 5.72
N ASP A 296 -10.29 -2.99 5.58
CA ASP A 296 -11.59 -2.91 4.92
C ASP A 296 -12.60 -4.00 5.28
N PRO A 297 -12.82 -4.26 6.59
CA PRO A 297 -13.77 -5.29 7.02
C PRO A 297 -15.23 -5.03 6.63
N PHE A 298 -15.55 -3.78 6.32
CA PHE A 298 -16.91 -3.43 5.94
C PHE A 298 -16.91 -2.51 4.74
N ASP A 299 -18.09 -2.21 4.22
CA ASP A 299 -18.20 -1.32 3.07
C ASP A 299 -17.62 0.05 3.39
N GLN A 300 -17.00 0.68 2.40
CA GLN A 300 -16.39 1.99 2.55
C GLN A 300 -17.36 3.08 3.03
N ASP A 301 -18.62 2.73 3.19
CA ASP A 301 -19.60 3.69 3.65
C ASP A 301 -20.46 3.13 4.75
N ASP A 302 -20.12 1.95 5.24
CA ASP A 302 -20.87 1.34 6.32
C ASP A 302 -20.16 1.72 7.61
N TRP A 303 -20.07 3.03 7.85
CA TRP A 303 -19.41 3.61 9.02
C TRP A 303 -19.81 2.98 10.35
N GLU A 304 -21.11 2.87 10.58
CA GLU A 304 -21.63 2.32 11.83
C GLU A 304 -21.01 0.99 12.24
N THR A 305 -20.90 0.06 11.30
CA THR A 305 -20.33 -1.23 11.64
C THR A 305 -18.80 -1.09 11.80
N TRP A 306 -18.21 -0.11 11.11
CA TRP A 306 -16.78 0.14 11.25
C TRP A 306 -16.50 0.52 12.72
N SER A 307 -17.23 1.52 13.21
CA SER A 307 -17.08 1.99 14.59
C SER A 307 -17.32 0.91 15.62
N LYS A 308 -18.38 0.11 15.43
CA LYS A 308 -18.72 -0.98 16.35
C LYS A 308 -17.54 -1.93 16.48
N MET A 309 -16.96 -2.30 15.35
CA MET A 309 -15.82 -3.20 15.35
C MET A 309 -14.55 -2.57 15.91
N THR A 310 -14.30 -1.31 15.58
CA THR A 310 -13.12 -0.66 16.10
C THR A 310 -13.26 -0.53 17.62
N SER A 311 -14.48 -0.23 18.08
CA SER A 311 -14.78 -0.06 19.50
C SER A 311 -14.55 -1.30 20.35
N GLY A 312 -14.93 -2.47 19.84
CA GLY A 312 -14.75 -3.66 20.66
C GLY A 312 -13.80 -4.75 20.26
N THR A 313 -12.64 -4.43 19.70
CA THR A 313 -11.74 -5.51 19.29
C THR A 313 -10.28 -5.46 19.67
N THR A 314 -9.75 -4.28 19.94
CA THR A 314 -8.32 -4.14 20.28
C THR A 314 -7.31 -4.51 19.18
N ILE A 315 -7.76 -5.03 18.04
CA ILE A 315 -6.81 -5.33 16.97
C ILE A 315 -6.77 -4.12 16.06
N GLN A 316 -5.90 -4.16 15.07
CA GLN A 316 -5.78 -3.05 14.12
C GLN A 316 -6.87 -3.17 13.05
N ILE A 317 -7.55 -2.05 12.80
CA ILE A 317 -8.60 -1.97 11.80
C ILE A 317 -8.08 -0.96 10.78
N VAL A 318 -7.72 -1.46 9.60
CA VAL A 318 -7.15 -0.61 8.54
C VAL A 318 -8.15 -0.06 7.55
N GLY A 319 -8.06 1.23 7.28
CA GLY A 319 -8.95 1.88 6.34
C GLY A 319 -8.22 2.05 5.02
N ASP A 320 -8.83 1.59 3.93
CA ASP A 320 -8.23 1.71 2.60
C ASP A 320 -9.27 2.36 1.71
N ASP A 321 -10.24 1.58 1.22
CA ASP A 321 -11.32 2.14 0.40
C ASP A 321 -12.08 3.18 1.21
N LEU A 322 -12.09 2.99 2.53
CA LEU A 322 -12.77 3.88 3.46
C LEU A 322 -12.17 5.28 3.49
N THR A 323 -10.84 5.33 3.55
CA THR A 323 -10.11 6.58 3.64
C THR A 323 -9.43 7.11 2.38
N VAL A 324 -9.12 6.22 1.44
CA VAL A 324 -8.43 6.54 0.18
C VAL A 324 -7.38 7.66 0.29
N THR A 325 -6.52 7.55 1.31
CA THR A 325 -5.46 8.53 1.59
C THR A 325 -5.97 9.95 1.38
N ASN A 326 -7.24 10.17 1.69
CA ASN A 326 -7.89 11.47 1.53
C ASN A 326 -8.15 12.09 2.88
N PRO A 327 -7.51 13.24 3.17
CA PRO A 327 -7.67 13.96 4.45
C PRO A 327 -9.13 14.20 4.88
N LYS A 328 -10.00 14.48 3.93
CA LYS A 328 -11.40 14.72 4.23
C LYS A 328 -11.99 13.42 4.78
N ARG A 329 -11.73 12.31 4.08
CA ARG A 329 -12.22 11.00 4.48
C ARG A 329 -11.57 10.55 5.81
N ILE A 330 -10.30 10.90 5.98
CA ILE A 330 -9.55 10.56 7.17
C ILE A 330 -10.16 11.26 8.37
N THR A 331 -10.50 12.53 8.18
CA THR A 331 -11.10 13.32 9.26
C THR A 331 -12.40 12.66 9.72
N THR A 332 -13.27 12.34 8.77
CA THR A 332 -14.54 11.70 9.09
C THR A 332 -14.35 10.41 9.88
N ALA A 333 -13.45 9.55 9.40
CA ALA A 333 -13.17 8.29 10.07
C ALA A 333 -12.63 8.56 11.47
N VAL A 334 -11.91 9.66 11.63
CA VAL A 334 -11.35 10.02 12.92
C VAL A 334 -12.49 10.40 13.87
N GLU A 335 -13.36 11.29 13.40
CA GLU A 335 -14.49 11.75 14.18
C GLU A 335 -15.39 10.60 14.60
N LYS A 336 -15.67 9.71 13.65
CA LYS A 336 -16.53 8.56 13.89
C LYS A 336 -15.78 7.40 14.54
N LYS A 337 -14.48 7.55 14.74
CA LYS A 337 -13.67 6.48 15.34
C LYS A 337 -13.90 5.19 14.55
N ALA A 338 -14.00 5.33 13.24
CA ALA A 338 -14.26 4.23 12.33
C ALA A 338 -13.14 3.21 12.20
N CYS A 339 -11.91 3.66 12.39
CA CYS A 339 -10.77 2.75 12.29
C CYS A 339 -9.61 3.30 13.09
N LYS A 340 -8.50 2.57 13.08
CA LYS A 340 -7.34 2.97 13.84
C LYS A 340 -6.02 2.93 13.05
N CYS A 341 -6.11 2.72 11.74
CA CYS A 341 -4.92 2.66 10.91
C CYS A 341 -5.18 3.12 9.50
N LEU A 342 -4.28 3.95 8.98
CA LEU A 342 -4.41 4.45 7.63
C LEU A 342 -3.50 3.68 6.69
N LEU A 343 -4.06 3.19 5.58
CA LEU A 343 -3.27 2.50 4.57
C LEU A 343 -2.84 3.69 3.72
N LEU A 344 -1.54 3.93 3.65
CA LEU A 344 -1.03 5.06 2.89
C LEU A 344 -0.59 4.68 1.49
N LYS A 345 -1.27 5.24 0.50
CA LYS A 345 -0.93 5.02 -0.91
C LYS A 345 -0.63 6.40 -1.47
N VAL A 346 0.65 6.69 -1.67
CA VAL A 346 1.08 8.00 -2.17
C VAL A 346 0.38 8.45 -3.45
N ASN A 347 0.21 7.54 -4.42
CA ASN A 347 -0.43 7.91 -5.67
C ASN A 347 -1.94 8.10 -5.57
N GLN A 348 -2.49 7.76 -4.42
CA GLN A 348 -3.91 7.93 -4.22
C GLN A 348 -4.20 9.41 -3.94
N ILE A 349 -3.24 10.10 -3.32
CA ILE A 349 -3.38 11.51 -3.00
C ILE A 349 -2.61 12.35 -4.04
N GLY A 350 -1.52 11.80 -4.57
CA GLY A 350 -0.79 12.49 -5.61
C GLY A 350 0.47 13.28 -5.39
N SER A 351 0.88 13.51 -4.15
CA SER A 351 2.10 14.26 -3.91
C SER A 351 2.75 13.81 -2.61
N VAL A 352 4.04 14.11 -2.44
CA VAL A 352 4.77 13.72 -1.25
C VAL A 352 4.35 14.44 0.03
N THR A 353 4.17 15.77 -0.03
CA THR A 353 3.77 16.48 1.18
C THR A 353 2.37 16.07 1.62
N GLU A 354 1.45 15.94 0.66
CA GLU A 354 0.10 15.53 0.99
C GLU A 354 0.10 14.15 1.65
N SER A 355 0.92 13.25 1.15
CA SER A 355 1.03 11.91 1.72
C SER A 355 1.52 12.01 3.16
N ILE A 356 2.52 12.87 3.37
CA ILE A 356 3.08 13.07 4.69
C ILE A 356 2.06 13.70 5.62
N ASP A 357 1.31 14.67 5.12
CA ASP A 357 0.30 15.33 5.92
C ASP A 357 -0.79 14.33 6.27
N ALA A 358 -1.21 13.53 5.29
CA ALA A 358 -2.21 12.50 5.49
C ALA A 358 -1.76 11.61 6.63
N HIS A 359 -0.51 11.17 6.58
CA HIS A 359 0.03 10.35 7.64
C HIS A 359 -0.02 11.10 8.97
N LEU A 360 0.56 12.30 9.01
CA LEU A 360 0.60 13.11 10.24
C LEU A 360 -0.78 13.30 10.84
N LEU A 361 -1.79 13.41 9.99
CA LEU A 361 -3.17 13.57 10.42
C LEU A 361 -3.59 12.32 11.18
N ALA A 362 -3.39 11.17 10.55
CA ALA A 362 -3.74 9.92 11.18
C ALA A 362 -3.04 9.78 12.52
N LYS A 363 -1.73 10.01 12.54
CA LYS A 363 -0.95 9.89 13.76
C LYS A 363 -1.39 10.84 14.85
N LYS A 364 -1.64 12.09 14.48
CA LYS A 364 -2.08 13.11 15.41
C LYS A 364 -3.29 12.60 16.19
N ASN A 365 -4.14 11.83 15.50
CA ASN A 365 -5.36 11.31 16.09
C ASN A 365 -5.25 9.89 16.65
N GLY A 366 -4.03 9.44 16.88
CA GLY A 366 -3.81 8.12 17.45
C GLY A 366 -3.70 6.92 16.53
N TRP A 367 -3.98 7.10 15.24
CA TRP A 367 -3.93 6.00 14.29
C TRP A 367 -2.52 5.53 13.98
N GLY A 368 -2.47 4.36 13.36
CA GLY A 368 -1.20 3.82 12.92
C GLY A 368 -1.24 4.09 11.43
N THR A 369 -0.16 3.83 10.73
CA THR A 369 -0.11 4.04 9.29
C THR A 369 0.62 2.86 8.65
N MET A 370 -0.01 2.23 7.68
CA MET A 370 0.61 1.12 6.98
C MET A 370 0.90 1.62 5.57
N VAL A 371 2.18 1.79 5.25
CA VAL A 371 2.58 2.26 3.92
C VAL A 371 2.26 1.17 2.89
N SER A 372 1.53 1.53 1.85
CA SER A 372 1.14 0.54 0.86
C SER A 372 1.62 0.71 -0.59
N HIS A 373 1.80 -0.45 -1.23
CA HIS A 373 2.19 -0.54 -2.62
C HIS A 373 0.90 -0.58 -3.42
N ARG A 374 1.01 -0.71 -4.73
CA ARG A 374 -0.16 -0.80 -5.58
C ARG A 374 -0.05 -2.13 -6.32
N SER A 375 -1.12 -2.57 -6.99
CA SER A 375 -1.05 -3.84 -7.71
C SER A 375 -0.05 -3.70 -8.87
N GLY A 376 -0.06 -2.53 -9.49
CA GLY A 376 0.86 -2.25 -10.56
C GLY A 376 2.03 -1.44 -10.01
N GLU A 377 3.08 -2.11 -9.58
CA GLU A 377 4.25 -1.43 -9.06
C GLU A 377 5.32 -1.31 -10.12
N THR A 378 6.43 -0.66 -9.78
CA THR A 378 7.55 -0.52 -10.69
C THR A 378 8.77 -0.96 -9.90
N GLU A 379 9.96 -0.82 -10.49
CA GLU A 379 11.18 -1.22 -9.81
C GLU A 379 11.65 -0.12 -8.87
N ASP A 380 10.88 0.96 -8.79
CA ASP A 380 11.18 2.09 -7.90
C ASP A 380 10.98 1.58 -6.46
N CYS A 381 11.88 1.97 -5.56
CA CYS A 381 11.81 1.55 -4.15
C CYS A 381 11.58 2.72 -3.18
N PHE A 382 11.00 3.81 -3.68
CA PHE A 382 10.75 4.98 -2.86
C PHE A 382 9.97 4.71 -1.58
N ILE A 383 8.88 3.96 -1.67
CA ILE A 383 8.08 3.70 -0.49
C ILE A 383 8.85 3.00 0.63
N ALA A 384 9.95 2.32 0.27
CA ALA A 384 10.77 1.66 1.27
C ALA A 384 11.39 2.73 2.17
N ASP A 385 11.81 3.84 1.56
CA ASP A 385 12.40 4.96 2.28
C ASP A 385 11.31 5.76 3.00
N LEU A 386 10.12 5.79 2.42
CA LEU A 386 8.97 6.50 3.00
C LEU A 386 8.52 5.85 4.30
N VAL A 387 8.45 4.53 4.33
CA VAL A 387 8.01 3.83 5.52
C VAL A 387 9.01 3.96 6.68
N VAL A 388 10.30 3.98 6.36
CA VAL A 388 11.33 4.11 7.38
C VAL A 388 11.37 5.54 7.91
N GLY A 389 11.34 6.52 7.01
CA GLY A 389 11.35 7.92 7.41
C GLY A 389 10.10 8.39 8.15
N LEU A 390 8.94 7.84 7.79
CA LEU A 390 7.69 8.21 8.45
C LEU A 390 7.49 7.45 9.76
N CYS A 391 8.46 6.60 10.12
CA CYS A 391 8.40 5.83 11.37
C CYS A 391 7.06 5.12 11.62
N THR A 392 6.46 4.56 10.57
CA THR A 392 5.17 3.91 10.71
C THR A 392 5.22 2.51 11.31
N GLY A 393 6.34 1.83 11.13
CA GLY A 393 6.46 0.49 11.66
C GLY A 393 5.83 -0.62 10.83
N GLN A 394 5.10 -0.28 9.77
CA GLN A 394 4.46 -1.31 8.94
C GLN A 394 4.27 -0.96 7.47
N ILE A 395 4.73 -1.85 6.60
CA ILE A 395 4.61 -1.66 5.16
C ILE A 395 4.03 -2.91 4.53
N LYS A 396 3.14 -2.71 3.59
CA LYS A 396 2.47 -3.77 2.87
C LYS A 396 2.94 -3.63 1.41
N THR A 397 4.03 -4.30 1.04
CA THR A 397 4.50 -4.18 -0.32
C THR A 397 4.67 -5.49 -1.10
N GLY A 398 3.68 -6.38 -0.94
CA GLY A 398 3.68 -7.65 -1.66
C GLY A 398 4.39 -8.81 -1.00
N ALA A 399 4.20 -9.99 -1.59
CA ALA A 399 4.82 -11.21 -1.11
C ALA A 399 6.29 -11.11 -1.42
N PRO A 400 7.12 -11.95 -0.80
CA PRO A 400 8.55 -11.88 -1.09
C PRO A 400 8.82 -12.63 -2.41
N CYS A 401 8.12 -12.22 -3.45
CA CYS A 401 8.20 -12.82 -4.77
C CYS A 401 7.88 -11.70 -5.74
N ARG A 402 8.59 -11.67 -6.87
CA ARG A 402 8.46 -10.64 -7.92
C ARG A 402 9.30 -9.44 -7.46
N SER A 403 10.24 -9.02 -8.31
CA SER A 403 11.11 -7.92 -7.94
C SER A 403 10.55 -6.53 -7.75
N GLU A 404 9.32 -6.27 -8.16
CA GLU A 404 8.74 -4.96 -7.92
C GLU A 404 8.30 -4.92 -6.46
N ARG A 405 8.28 -6.10 -5.84
CA ARG A 405 7.91 -6.28 -4.44
C ARG A 405 9.24 -6.31 -3.70
N LEU A 406 10.10 -7.24 -4.09
CA LEU A 406 11.43 -7.36 -3.47
C LEU A 406 12.26 -6.10 -3.56
N ALA A 407 12.04 -5.28 -4.57
CA ALA A 407 12.79 -4.04 -4.74
C ALA A 407 12.73 -3.24 -3.46
N LYS A 408 11.52 -3.13 -2.90
CA LYS A 408 11.30 -2.39 -1.66
C LYS A 408 11.95 -3.08 -0.47
N TYR A 409 11.65 -4.36 -0.29
CA TYR A 409 12.20 -5.12 0.83
C TYR A 409 13.72 -5.11 0.83
N ASN A 410 14.32 -5.19 -0.35
CA ASN A 410 15.77 -5.19 -0.47
C ASN A 410 16.31 -3.86 -0.02
N GLN A 411 15.60 -2.80 -0.37
CA GLN A 411 16.00 -1.45 0.00
C GLN A 411 15.98 -1.30 1.51
N ILE A 412 14.92 -1.78 2.15
CA ILE A 412 14.81 -1.69 3.61
C ILE A 412 15.98 -2.46 4.24
N LEU A 413 16.39 -3.56 3.60
CA LEU A 413 17.52 -4.35 4.09
C LEU A 413 18.77 -3.50 3.99
N ARG A 414 18.83 -2.66 2.95
CA ARG A 414 19.97 -1.80 2.72
C ARG A 414 19.99 -0.65 3.73
N ILE A 415 18.81 -0.14 4.05
CA ILE A 415 18.69 0.93 5.04
C ILE A 415 19.08 0.37 6.41
N GLU A 416 18.62 -0.84 6.71
CA GLU A 416 18.93 -1.48 7.98
C GLU A 416 20.44 -1.59 8.15
N GLU A 417 21.11 -1.85 7.04
CA GLU A 417 22.56 -1.98 7.04
C GLU A 417 23.19 -0.64 7.39
N GLU A 418 22.64 0.44 6.84
CA GLU A 418 23.12 1.79 7.09
C GLU A 418 22.97 2.22 8.55
N LEU A 419 21.84 1.88 9.16
CA LEU A 419 21.59 2.24 10.54
C LEU A 419 22.49 1.48 11.52
N GLY A 420 22.92 0.30 11.13
CA GLY A 420 23.79 -0.50 11.98
C GLY A 420 23.08 -1.15 13.17
N SER A 421 23.77 -1.19 14.31
CA SER A 421 23.21 -1.78 15.52
C SER A 421 22.09 -0.89 16.04
N GLY A 422 22.18 0.40 15.78
CA GLY A 422 21.16 1.33 16.21
C GLY A 422 19.93 1.30 15.31
N ALA A 423 19.74 0.21 14.59
CA ALA A 423 18.61 0.03 13.70
C ALA A 423 17.47 -0.59 14.50
N LYS A 424 16.43 0.19 14.77
CA LYS A 424 15.29 -0.29 15.54
C LYS A 424 14.26 -1.01 14.67
N PHE A 425 13.85 -2.21 15.08
CA PHE A 425 12.83 -2.95 14.35
C PHE A 425 11.50 -2.77 15.10
N ALA A 426 10.45 -2.37 14.38
CA ALA A 426 9.13 -2.14 14.97
C ALA A 426 8.60 -3.29 15.83
N GLY A 427 8.88 -4.52 15.41
CA GLY A 427 8.45 -5.69 16.16
C GLY A 427 6.98 -5.72 16.56
N LYS A 428 6.73 -6.03 17.83
CA LYS A 428 5.37 -6.10 18.36
C LYS A 428 4.64 -4.75 18.43
N ASN A 429 5.39 -3.67 18.56
CA ASN A 429 4.77 -2.35 18.63
C ASN A 429 4.77 -1.67 17.27
N PHE A 430 4.52 -2.46 16.23
CA PHE A 430 4.47 -1.99 14.86
C PHE A 430 3.28 -1.06 14.63
N ARG A 431 2.21 -1.29 15.38
CA ARG A 431 1.00 -0.49 15.23
C ARG A 431 1.24 1.00 15.42
N ALA A 432 2.14 1.36 16.33
CA ALA A 432 2.45 2.76 16.57
C ALA A 432 3.75 2.80 17.33
N PRO A 433 4.88 2.63 16.62
CA PRO A 433 6.21 2.65 17.22
C PRO A 433 6.66 4.08 17.55
N SER A 434 6.11 5.05 16.80
CA SER A 434 6.41 6.47 16.95
C SER A 434 7.89 6.80 16.75
S SO4 B . -4.57 -1.58 -5.73
O1 SO4 B . -4.37 -3.00 -5.68
O2 SO4 B . -3.39 -1.01 -6.31
O3 SO4 B . -5.64 -1.22 -6.56
O4 SO4 B . -4.74 -1.07 -4.42
#